data_1W30
#
_entry.id   1W30
#
_cell.length_a   66.638
_cell.length_b   66.638
_cell.length_c   154.716
_cell.angle_alpha   90.00
_cell.angle_beta   90.00
_cell.angle_gamma   120.00
#
_symmetry.space_group_name_H-M   'P 31 2 1'
#
loop_
_entity.id
_entity.type
_entity.pdbx_description
1 polymer 'PYRR BIFUNCTIONAL PROTEIN'
2 water water
#
_entity_poly.entity_id   1
_entity_poly.type   'polypeptide(L)'
_entity_poly.pdbx_seq_one_letter_code
;MGAAGDAAIGRESRELMSAANVGRTISRIAHQIIEKTALDDPVGPDAPRVVLLGIPTRGVTLANRLAGNITEYSGIHVGH
GALDITLYRDDLMIKPPRPLASTSIPAGGIDDALVILVDDVLYSGRSVRSALDALRDVGRPRAVQLAVLVDRGHRELPLR
ADYVGKNVPTSRSESVHVRLREHDGRDGVVISRGSHHHHHH
;
_entity_poly.pdbx_strand_id   A,B
#
# COMPACT_ATOMS: atom_id res chain seq x y z
N GLU A 12 8.42 27.77 -14.24
CA GLU A 12 9.17 27.06 -15.31
C GLU A 12 8.69 25.61 -15.48
N SER A 13 8.25 25.31 -16.70
CA SER A 13 7.80 24.04 -17.19
C SER A 13 8.91 23.13 -17.74
N ARG A 14 8.57 21.86 -18.03
CA ARG A 14 9.41 20.92 -18.80
C ARG A 14 8.63 19.63 -19.02
N GLU A 15 8.60 19.11 -20.25
CA GLU A 15 7.77 17.92 -20.50
C GLU A 15 8.43 16.55 -20.21
N LEU A 16 7.73 15.73 -19.43
CA LEU A 16 8.14 14.36 -19.11
C LEU A 16 7.68 13.35 -20.15
N MET A 17 6.48 13.48 -20.68
CA MET A 17 5.96 12.51 -21.62
C MET A 17 5.14 13.22 -22.66
N SER A 18 5.47 12.90 -23.91
CA SER A 18 4.76 13.39 -25.08
C SER A 18 3.44 12.72 -25.17
N ALA A 19 2.58 13.26 -26.04
CA ALA A 19 1.32 12.63 -26.38
C ALA A 19 1.54 11.18 -26.79
N ALA A 20 2.52 10.97 -27.66
CA ALA A 20 2.76 9.62 -28.19
C ALA A 20 3.23 8.70 -27.04
N ASN A 21 4.03 9.21 -26.13
CA ASN A 21 4.49 8.44 -24.97
C ASN A 21 3.30 8.00 -24.10
N VAL A 22 2.37 8.93 -23.91
CA VAL A 22 1.23 8.67 -23.03
C VAL A 22 0.44 7.58 -23.63
N GLY A 23 0.17 7.62 -24.92
CA GLY A 23 -0.64 6.59 -25.55
C GLY A 23 -0.01 5.18 -25.57
N ARG A 24 1.28 5.18 -25.74
CA ARG A 24 2.01 3.92 -25.76
C ARG A 24 2.00 3.29 -24.35
N THR A 25 2.18 4.14 -23.35
CA THR A 25 2.30 3.79 -21.97
C THR A 25 0.97 3.23 -21.54
N ILE A 26 -0.15 3.83 -21.95
CA ILE A 26 -1.44 3.29 -21.67
C ILE A 26 -1.69 1.94 -22.26
N SER A 27 -1.32 1.72 -23.52
CA SER A 27 -1.50 0.42 -24.15
C SER A 27 -0.60 -0.61 -23.43
N ARG A 28 0.54 -0.16 -22.94
CA ARG A 28 1.49 -1.12 -22.31
C ARG A 28 0.86 -1.57 -21.00
N ILE A 29 0.31 -0.60 -20.28
CA ILE A 29 -0.42 -0.88 -19.06
C ILE A 29 -1.58 -1.80 -19.33
N ALA A 30 -2.39 -1.59 -20.39
CA ALA A 30 -3.48 -2.55 -20.69
C ALA A 30 -2.99 -4.00 -20.88
N HIS A 31 -1.83 -4.11 -21.52
CA HIS A 31 -1.26 -5.43 -21.69
C HIS A 31 -0.90 -6.04 -20.38
N GLN A 32 -0.28 -5.25 -19.49
CA GLN A 32 0.07 -5.74 -18.17
C GLN A 32 -1.15 -6.17 -17.37
N ILE A 33 -2.24 -5.41 -17.44
CA ILE A 33 -3.48 -5.78 -16.77
C ILE A 33 -4.00 -7.15 -17.28
N ILE A 34 -4.10 -7.30 -18.59
CA ILE A 34 -4.49 -8.59 -19.26
C ILE A 34 -3.63 -9.72 -18.71
N GLU A 35 -2.32 -9.53 -18.65
CA GLU A 35 -1.44 -10.56 -18.12
C GLU A 35 -1.71 -10.88 -16.66
N LYS A 36 -1.68 -9.88 -15.78
CA LYS A 36 -1.71 -10.13 -14.35
C LYS A 36 -3.08 -10.60 -13.87
N THR A 37 -4.13 -10.21 -14.57
CA THR A 37 -5.56 -10.59 -14.22
C THR A 37 -6.13 -11.72 -15.08
N ALA A 38 -5.26 -12.40 -15.82
CA ALA A 38 -5.64 -13.63 -16.53
C ALA A 38 -6.80 -13.49 -17.53
N LEU A 39 -6.89 -12.36 -18.19
CA LEU A 39 -7.99 -12.16 -19.14
C LEU A 39 -7.83 -12.94 -20.47
N ASP A 40 -6.71 -13.62 -20.66
CA ASP A 40 -6.47 -14.41 -21.88
C ASP A 40 -6.77 -15.89 -21.58
N ASP A 41 -7.05 -16.16 -20.31
CA ASP A 41 -7.23 -17.48 -19.82
C ASP A 41 -8.74 -17.74 -19.73
N PRO A 42 -9.13 -19.01 -19.66
CA PRO A 42 -10.54 -19.43 -19.76
C PRO A 42 -11.58 -18.87 -18.73
N VAL A 43 -11.30 -19.00 -17.45
CA VAL A 43 -12.20 -18.51 -16.37
C VAL A 43 -12.38 -19.64 -15.39
N GLY A 44 -12.57 -19.28 -14.12
CA GLY A 44 -12.47 -20.19 -13.00
C GLY A 44 -12.19 -19.42 -11.74
N PRO A 45 -11.97 -20.11 -10.63
CA PRO A 45 -11.95 -19.45 -9.32
C PRO A 45 -10.75 -18.51 -9.17
N ASP A 46 -9.75 -18.65 -10.05
CA ASP A 46 -8.55 -17.80 -10.03
C ASP A 46 -8.42 -16.95 -11.30
N ALA A 47 -9.52 -16.83 -12.04
CA ALA A 47 -9.72 -15.80 -13.05
C ALA A 47 -10.88 -14.93 -12.53
N PRO A 48 -10.58 -13.76 -12.03
CA PRO A 48 -11.58 -12.94 -11.37
C PRO A 48 -12.26 -12.11 -12.44
N ARG A 49 -13.46 -11.65 -12.16
CA ARG A 49 -14.08 -10.60 -12.96
C ARG A 49 -13.32 -9.32 -12.67
N VAL A 50 -12.91 -8.59 -13.68
CA VAL A 50 -12.20 -7.33 -13.52
C VAL A 50 -13.03 -6.06 -13.78
N VAL A 51 -12.91 -5.08 -12.87
CA VAL A 51 -13.57 -3.82 -12.99
C VAL A 51 -12.61 -2.71 -12.74
N LEU A 52 -12.53 -1.78 -13.66
CA LEU A 52 -11.72 -0.59 -13.47
C LEU A 52 -12.55 0.58 -12.92
N LEU A 53 -12.17 1.14 -11.79
CA LEU A 53 -12.78 2.36 -11.27
C LEU A 53 -11.79 3.49 -11.19
N GLY A 54 -12.07 4.55 -11.96
CA GLY A 54 -11.26 5.74 -11.91
C GLY A 54 -11.64 6.68 -10.80
N ILE A 55 -10.64 7.35 -10.25
CA ILE A 55 -10.79 8.48 -9.35
C ILE A 55 -10.87 9.81 -10.12
N PRO A 56 -11.96 10.59 -9.95
CA PRO A 56 -12.12 11.78 -10.78
C PRO A 56 -11.01 12.80 -10.52
N THR A 57 -10.62 13.58 -11.52
CA THR A 57 -11.28 13.64 -12.82
C THR A 57 -10.53 12.77 -13.84
N ARG A 58 -9.22 13.00 -13.95
CA ARG A 58 -8.39 12.34 -14.98
C ARG A 58 -8.29 10.82 -14.78
N GLY A 59 -8.39 10.35 -13.55
CA GLY A 59 -8.42 8.93 -13.28
C GLY A 59 -9.55 8.23 -13.97
N VAL A 60 -10.70 8.92 -14.10
CA VAL A 60 -11.82 8.33 -14.82
C VAL A 60 -11.56 8.12 -16.31
N THR A 61 -10.97 9.13 -16.91
CA THR A 61 -10.66 9.14 -18.31
C THR A 61 -9.62 8.04 -18.61
N LEU A 62 -8.65 7.94 -17.73
CA LEU A 62 -7.63 6.88 -17.82
C LEU A 62 -8.27 5.50 -17.74
N ALA A 63 -9.17 5.28 -16.80
CA ALA A 63 -9.88 4.02 -16.75
C ALA A 63 -10.65 3.74 -18.04
N ASN A 64 -11.31 4.78 -18.58
CA ASN A 64 -11.94 4.63 -19.90
C ASN A 64 -10.91 4.27 -21.01
N ARG A 65 -9.79 4.96 -21.08
CA ARG A 65 -8.78 4.70 -22.10
C ARG A 65 -8.23 3.30 -21.99
N LEU A 66 -7.99 2.85 -20.75
CA LEU A 66 -7.57 1.47 -20.46
C LEU A 66 -8.60 0.44 -20.83
N ALA A 67 -9.86 0.66 -20.42
CA ALA A 67 -10.88 -0.34 -20.72
C ALA A 67 -11.00 -0.44 -22.22
N GLY A 68 -10.81 0.67 -22.92
CA GLY A 68 -10.95 0.75 -24.36
C GLY A 68 -9.77 0.10 -25.09
N ASN A 69 -8.56 0.29 -24.58
CA ASN A 69 -7.39 -0.44 -25.09
C ASN A 69 -7.52 -1.90 -24.83
N ILE A 70 -8.01 -2.29 -23.64
CA ILE A 70 -8.06 -3.71 -23.36
C ILE A 70 -8.95 -4.33 -24.42
N THR A 71 -10.16 -3.78 -24.55
CA THR A 71 -11.14 -4.34 -25.49
C THR A 71 -10.57 -4.51 -26.90
N GLU A 72 -9.95 -3.49 -27.46
CA GLU A 72 -9.43 -3.64 -28.80
C GLU A 72 -8.23 -4.61 -28.91
N TYR A 73 -7.52 -4.87 -27.79
CA TYR A 73 -6.35 -5.77 -27.80
C TYR A 73 -6.78 -7.19 -27.58
N SER A 74 -7.79 -7.40 -26.76
CA SER A 74 -8.21 -8.74 -26.40
C SER A 74 -9.65 -9.05 -26.82
N GLY A 75 -10.28 -8.09 -27.52
CA GLY A 75 -11.72 -8.11 -27.77
C GLY A 75 -12.65 -8.06 -26.56
N ILE A 76 -12.15 -7.84 -25.34
CA ILE A 76 -13.03 -8.02 -24.16
C ILE A 76 -13.45 -6.75 -23.39
N HIS A 77 -14.70 -6.75 -22.95
CA HIS A 77 -15.39 -5.58 -22.37
C HIS A 77 -15.30 -5.73 -20.84
N VAL A 78 -14.40 -4.98 -20.24
CA VAL A 78 -14.24 -4.99 -18.81
C VAL A 78 -15.09 -3.85 -18.30
N GLY A 79 -15.69 -4.04 -17.15
CA GLY A 79 -16.52 -3.01 -16.57
C GLY A 79 -15.63 -1.86 -16.13
N HIS A 80 -16.12 -0.65 -16.32
CA HIS A 80 -15.38 0.50 -15.87
C HIS A 80 -16.31 1.55 -15.36
N GLY A 81 -15.80 2.42 -14.50
CA GLY A 81 -16.62 3.41 -13.87
C GLY A 81 -15.78 4.39 -13.11
N ALA A 82 -16.39 4.98 -12.09
CA ALA A 82 -15.84 6.12 -11.39
C ALA A 82 -16.22 5.96 -9.96
N LEU A 83 -15.29 6.39 -9.11
CA LEU A 83 -15.43 6.35 -7.71
C LEU A 83 -15.13 7.71 -7.14
N ASP A 84 -16.20 8.45 -6.81
CA ASP A 84 -16.09 9.78 -6.22
C ASP A 84 -15.68 9.66 -4.76
N ILE A 85 -14.60 10.35 -4.40
CA ILE A 85 -14.03 10.32 -3.04
C ILE A 85 -14.21 11.62 -2.25
N THR A 86 -15.01 12.53 -2.82
CA THR A 86 -15.39 13.79 -2.15
C THR A 86 -15.74 13.63 -0.69
N LEU A 87 -16.62 12.68 -0.35
CA LEU A 87 -17.01 12.45 1.06
C LEU A 87 -15.98 11.66 1.88
N TYR A 88 -14.92 11.16 1.25
CA TYR A 88 -13.92 10.33 1.92
C TYR A 88 -12.56 10.99 2.08
N ARG A 89 -12.49 12.27 1.72
CA ARG A 89 -11.26 13.03 1.77
C ARG A 89 -11.05 13.44 3.19
N ASP A 90 -9.78 13.66 3.56
CA ASP A 90 -9.38 13.95 4.96
C ASP A 90 -9.97 15.30 5.37
N PRO A 99 -16.16 20.07 -9.09
CA PRO A 99 -17.49 19.83 -9.69
C PRO A 99 -17.54 18.42 -10.33
N LEU A 100 -17.06 17.42 -9.59
CA LEU A 100 -16.60 16.17 -10.18
C LEU A 100 -17.68 15.20 -10.66
N ALA A 101 -17.24 14.30 -11.52
CA ALA A 101 -17.98 13.10 -11.84
C ALA A 101 -18.51 12.42 -10.58
N SER A 102 -19.75 11.98 -10.65
CA SER A 102 -20.33 11.28 -9.52
C SER A 102 -19.94 9.81 -9.67
N THR A 103 -20.18 9.01 -8.64
CA THR A 103 -19.82 7.59 -8.65
C THR A 103 -20.66 6.86 -9.65
N SER A 104 -20.03 5.99 -10.42
CA SER A 104 -20.73 5.19 -11.40
C SER A 104 -20.14 3.80 -11.35
N ILE A 105 -20.93 2.82 -10.96
CA ILE A 105 -20.46 1.45 -10.76
C ILE A 105 -21.14 0.65 -11.87
N PRO A 106 -20.39 -0.17 -12.58
CA PRO A 106 -20.99 -0.96 -13.66
C PRO A 106 -22.01 -1.96 -13.13
N ALA A 107 -22.86 -2.43 -14.04
CA ALA A 107 -23.87 -3.39 -13.69
C ALA A 107 -23.20 -4.64 -13.18
N GLY A 108 -23.73 -5.16 -12.08
CA GLY A 108 -23.10 -6.28 -11.41
C GLY A 108 -22.39 -5.84 -10.12
N GLY A 109 -21.98 -4.59 -10.02
CA GLY A 109 -21.32 -4.16 -8.81
C GLY A 109 -19.90 -4.75 -8.79
N ILE A 110 -19.33 -4.86 -7.58
CA ILE A 110 -17.93 -5.21 -7.37
C ILE A 110 -17.75 -6.35 -6.37
N ASP A 111 -18.83 -6.99 -5.92
CA ASP A 111 -18.76 -8.10 -5.00
C ASP A 111 -17.96 -9.21 -5.71
N ASP A 112 -16.93 -9.70 -5.04
CA ASP A 112 -15.99 -10.70 -5.52
C ASP A 112 -15.24 -10.34 -6.81
N ALA A 113 -15.25 -9.08 -7.20
CA ALA A 113 -14.50 -8.67 -8.37
C ALA A 113 -13.05 -8.32 -7.96
N LEU A 114 -12.25 -8.22 -8.99
CA LEU A 114 -10.90 -7.63 -8.89
C LEU A 114 -11.09 -6.24 -9.40
N VAL A 115 -11.05 -5.30 -8.46
CA VAL A 115 -11.14 -3.91 -8.78
C VAL A 115 -9.77 -3.32 -8.97
N ILE A 116 -9.58 -2.69 -10.12
CA ILE A 116 -8.43 -1.90 -10.39
C ILE A 116 -8.79 -0.43 -10.27
N LEU A 117 -8.29 0.21 -9.22
CA LEU A 117 -8.42 1.63 -9.00
C LEU A 117 -7.47 2.29 -9.97
N VAL A 118 -7.93 3.33 -10.64
CA VAL A 118 -7.09 4.04 -11.61
C VAL A 118 -6.97 5.50 -11.24
N ASP A 119 -5.75 6.00 -11.12
CA ASP A 119 -5.53 7.42 -10.94
C ASP A 119 -4.43 7.96 -11.86
N ASP A 120 -4.37 9.26 -12.02
CA ASP A 120 -3.35 9.84 -12.90
C ASP A 120 -1.99 9.90 -12.23
N VAL A 121 -1.93 10.44 -11.03
CA VAL A 121 -0.67 10.62 -10.34
C VAL A 121 -0.79 9.97 -8.96
N LEU A 122 0.16 9.08 -8.60
CA LEU A 122 0.35 8.64 -7.23
C LEU A 122 1.44 9.41 -6.49
N TYR A 123 0.95 10.25 -5.57
CA TYR A 123 1.79 11.11 -4.72
C TYR A 123 1.88 10.64 -3.30
N SER A 124 1.05 11.15 -2.38
CA SER A 124 0.93 10.80 -1.00
C SER A 124 0.38 9.40 -0.83
N GLY A 125 -0.56 9.04 -1.70
CA GLY A 125 -1.32 7.83 -1.51
C GLY A 125 -2.66 8.12 -0.82
N ARG A 126 -2.92 9.36 -0.38
CA ARG A 126 -4.13 9.66 0.43
C ARG A 126 -5.39 9.54 -0.39
N SER A 127 -5.30 9.92 -1.68
CA SER A 127 -6.41 9.77 -2.60
C SER A 127 -6.80 8.30 -2.79
N VAL A 128 -5.79 7.43 -2.87
CA VAL A 128 -6.07 6.00 -2.98
C VAL A 128 -6.69 5.44 -1.69
N ARG A 129 -6.22 5.88 -0.55
CA ARG A 129 -6.79 5.45 0.72
C ARG A 129 -8.25 5.90 0.76
N SER A 130 -8.49 7.13 0.38
CA SER A 130 -9.89 7.57 0.29
C SER A 130 -10.74 6.69 -0.64
N ALA A 131 -10.18 6.30 -1.79
CA ALA A 131 -10.86 5.37 -2.73
C ALA A 131 -11.19 4.04 -2.09
N LEU A 132 -10.25 3.50 -1.32
CA LEU A 132 -10.50 2.23 -0.61
C LEU A 132 -11.74 2.32 0.28
N ASP A 133 -11.77 3.48 0.98
CA ASP A 133 -12.94 3.69 1.85
C ASP A 133 -14.25 3.78 1.11
N ALA A 134 -14.23 4.56 0.04
CA ALA A 134 -15.39 4.72 -0.81
C ALA A 134 -15.83 3.39 -1.42
N LEU A 135 -14.87 2.55 -1.79
CA LEU A 135 -15.14 1.22 -2.31
C LEU A 135 -15.89 0.33 -1.32
N ARG A 136 -15.59 0.40 -0.06
CA ARG A 136 -16.21 -0.53 0.82
C ARG A 136 -17.70 -0.17 1.08
N ASP A 137 -18.08 1.09 0.85
CA ASP A 137 -19.50 1.47 0.77
C ASP A 137 -20.19 0.93 -0.48
N VAL A 138 -19.43 0.59 -1.49
CA VAL A 138 -20.01 0.01 -2.70
C VAL A 138 -20.20 -1.48 -2.55
N GLY A 139 -19.18 -2.17 -2.07
CA GLY A 139 -19.28 -3.58 -1.82
C GLY A 139 -17.94 -4.19 -1.47
N ARG A 140 -17.81 -5.49 -1.68
CA ARG A 140 -16.72 -6.23 -1.13
C ARG A 140 -15.95 -6.98 -2.23
N PRO A 141 -14.96 -6.31 -2.85
CA PRO A 141 -14.15 -6.96 -3.88
C PRO A 141 -13.36 -8.10 -3.33
N ARG A 142 -13.01 -9.03 -4.21
CA ARG A 142 -12.05 -10.06 -3.82
C ARG A 142 -10.65 -9.49 -3.62
N ALA A 143 -10.25 -8.53 -4.45
CA ALA A 143 -8.94 -7.87 -4.33
C ALA A 143 -9.03 -6.51 -5.00
N VAL A 144 -8.11 -5.65 -4.65
CA VAL A 144 -8.03 -4.31 -5.23
C VAL A 144 -6.60 -4.12 -5.65
N GLN A 145 -6.43 -3.61 -6.86
CA GLN A 145 -5.13 -3.23 -7.41
C GLN A 145 -5.21 -1.75 -7.75
N LEU A 146 -4.07 -1.17 -8.12
CA LEU A 146 -3.97 0.27 -8.39
C LEU A 146 -3.16 0.44 -9.69
N ALA A 147 -3.70 1.15 -10.63
CA ALA A 147 -2.99 1.53 -11.84
C ALA A 147 -2.89 3.05 -11.90
N VAL A 148 -1.68 3.54 -12.16
CA VAL A 148 -1.46 5.03 -12.20
C VAL A 148 -0.56 5.37 -13.38
N LEU A 149 -0.80 6.54 -13.99
CA LEU A 149 0.13 6.95 -15.06
C LEU A 149 1.50 7.36 -14.58
N VAL A 150 1.55 8.15 -13.52
CA VAL A 150 2.80 8.61 -12.89
C VAL A 150 2.85 8.29 -11.43
N ASP A 151 3.98 7.74 -10.99
CA ASP A 151 4.29 7.68 -9.57
C ASP A 151 5.39 8.67 -9.27
N ARG A 152 5.14 9.67 -8.42
CA ARG A 152 6.13 10.71 -8.22
C ARG A 152 6.77 10.72 -6.86
N GLY A 153 6.68 9.59 -6.17
CA GLY A 153 7.28 9.38 -4.87
C GLY A 153 6.56 10.16 -3.80
N HIS A 154 7.19 10.23 -2.62
CA HIS A 154 6.73 10.94 -1.42
C HIS A 154 5.44 10.36 -0.83
N ARG A 155 5.40 9.03 -0.75
CA ARG A 155 4.29 8.35 -0.08
C ARG A 155 4.12 8.76 1.38
N GLU A 156 2.87 8.95 1.81
CA GLU A 156 2.56 9.13 3.21
C GLU A 156 1.85 7.92 3.82
N LEU A 157 1.51 6.96 2.96
CA LEU A 157 0.87 5.71 3.38
C LEU A 157 1.57 4.58 2.68
N PRO A 158 1.52 3.38 3.26
CA PRO A 158 2.23 2.20 2.73
C PRO A 158 1.55 1.58 1.51
N LEU A 159 1.28 2.43 0.54
CA LEU A 159 0.55 2.07 -0.68
C LEU A 159 1.48 2.00 -1.87
N ARG A 160 1.16 1.15 -2.85
CA ARG A 160 1.91 1.16 -4.11
C ARG A 160 1.01 0.72 -5.25
N ALA A 161 1.40 1.15 -6.44
CA ALA A 161 0.66 0.86 -7.65
C ALA A 161 1.15 -0.48 -8.18
N ASP A 162 0.23 -1.30 -8.61
CA ASP A 162 0.49 -2.52 -9.34
C ASP A 162 0.94 -2.26 -10.73
N TYR A 163 0.46 -1.18 -11.33
CA TYR A 163 0.78 -0.81 -12.69
C TYR A 163 1.14 0.65 -12.73
N VAL A 164 2.27 0.98 -13.34
CA VAL A 164 2.80 2.33 -13.27
C VAL A 164 3.26 2.68 -14.69
N GLY A 165 2.82 3.82 -15.19
CA GLY A 165 3.32 4.30 -16.46
C GLY A 165 4.74 4.81 -16.43
N LYS A 166 5.01 5.79 -15.57
CA LYS A 166 6.33 6.32 -15.38
C LYS A 166 6.61 6.60 -13.95
N ASN A 167 7.78 6.14 -13.47
CA ASN A 167 8.28 6.56 -12.17
C ASN A 167 9.09 7.86 -12.35
N VAL A 168 8.66 8.92 -11.70
CA VAL A 168 9.31 10.24 -11.76
C VAL A 168 9.81 10.74 -10.41
N PRO A 169 11.12 10.73 -10.21
CA PRO A 169 11.73 11.32 -9.04
C PRO A 169 11.37 12.81 -8.99
N THR A 170 10.94 13.32 -7.84
CA THR A 170 10.63 14.73 -7.69
C THR A 170 11.07 15.27 -6.36
N SER A 171 11.16 16.59 -6.32
CA SER A 171 11.24 17.30 -5.06
C SER A 171 9.83 17.77 -4.65
N ARG A 172 9.65 18.03 -3.36
CA ARG A 172 8.36 18.55 -2.84
C ARG A 172 7.88 19.84 -3.48
N SER A 173 8.83 20.66 -3.92
CA SER A 173 8.49 21.93 -4.56
C SER A 173 8.09 21.77 -6.02
N GLU A 174 8.19 20.58 -6.58
CA GLU A 174 7.82 20.38 -7.99
C GLU A 174 6.39 19.89 -8.03
N SER A 175 5.70 20.16 -9.13
CA SER A 175 4.36 19.69 -9.34
C SER A 175 4.40 18.93 -10.64
N VAL A 176 3.73 17.79 -10.68
CA VAL A 176 3.62 16.99 -11.90
C VAL A 176 2.20 17.09 -12.37
N HIS A 177 2.01 17.34 -13.65
CA HIS A 177 0.67 17.50 -14.18
C HIS A 177 0.42 16.56 -15.34
N VAL A 178 -0.61 15.73 -15.23
CA VAL A 178 -0.97 14.84 -16.28
C VAL A 178 -2.05 15.46 -17.10
N ARG A 179 -1.82 15.53 -18.40
CA ARG A 179 -2.77 16.12 -19.33
C ARG A 179 -3.27 15.02 -20.20
N LEU A 180 -4.58 15.00 -20.40
CA LEU A 180 -5.25 14.04 -21.25
C LEU A 180 -6.12 14.85 -22.18
N ARG A 181 -6.26 14.33 -23.40
CA ARG A 181 -6.92 14.99 -24.52
C ARG A 181 -8.25 15.64 -24.11
N GLU A 182 -9.11 14.78 -23.57
CA GLU A 182 -10.49 15.14 -23.22
C GLU A 182 -10.57 16.35 -22.29
N HIS A 183 -9.62 16.55 -21.41
CA HIS A 183 -9.71 17.62 -20.43
C HIS A 183 -8.84 18.78 -20.80
N ASP A 184 -7.72 18.47 -21.44
CA ASP A 184 -6.63 19.40 -21.58
C ASP A 184 -6.26 19.71 -23.03
N GLY A 185 -6.88 19.03 -23.98
CA GLY A 185 -6.66 19.29 -25.40
C GLY A 185 -5.59 18.40 -26.04
N ARG A 186 -4.52 18.11 -25.29
CA ARG A 186 -3.46 17.18 -25.73
C ARG A 186 -2.99 16.30 -24.56
N ASP A 187 -2.64 15.05 -24.86
CA ASP A 187 -1.96 14.17 -23.89
C ASP A 187 -0.56 14.63 -23.57
N GLY A 188 -0.09 14.30 -22.38
CA GLY A 188 1.27 14.57 -21.99
C GLY A 188 1.40 14.67 -20.47
N VAL A 189 2.60 14.87 -20.02
CA VAL A 189 2.87 15.06 -18.60
C VAL A 189 3.96 16.09 -18.53
N VAL A 190 3.82 17.03 -17.61
CA VAL A 190 4.74 18.11 -17.48
C VAL A 190 5.17 18.22 -16.01
N ILE A 191 6.42 18.57 -15.78
CA ILE A 191 6.84 18.94 -14.43
C ILE A 191 6.99 20.45 -14.38
N SER A 192 6.63 21.05 -13.25
CA SER A 192 6.67 22.49 -13.08
C SER A 192 7.23 22.94 -11.73
N ARG A 193 7.62 24.21 -11.69
CA ARG A 193 8.11 24.89 -10.50
C ARG A 193 7.74 26.36 -10.68
N GLU B 12 4.70 -31.38 6.01
CA GLU B 12 5.04 -30.78 7.34
C GLU B 12 5.81 -29.44 7.23
N SER B 13 7.01 -29.34 7.80
CA SER B 13 7.60 -28.04 8.16
C SER B 13 9.09 -27.96 7.84
N ARG B 14 9.57 -26.80 7.40
CA ARG B 14 11.02 -26.54 7.26
C ARG B 14 11.41 -25.15 7.78
N GLU B 15 12.64 -25.01 8.28
CA GLU B 15 13.10 -23.74 8.82
C GLU B 15 13.44 -22.73 7.71
N LEU B 16 12.74 -21.61 7.71
CA LEU B 16 13.00 -20.50 6.79
C LEU B 16 14.11 -19.62 7.37
N MET B 17 14.03 -19.38 8.66
CA MET B 17 14.99 -18.54 9.36
C MET B 17 15.32 -19.16 10.68
N SER B 18 16.62 -19.29 10.94
CA SER B 18 17.16 -19.75 12.20
C SER B 18 17.07 -18.63 13.20
N ALA B 19 17.32 -18.89 14.48
CA ALA B 19 17.37 -17.83 15.49
C ALA B 19 18.39 -16.77 15.19
N ALA B 20 19.54 -17.24 14.74
CA ALA B 20 20.63 -16.36 14.29
C ALA B 20 20.08 -15.46 13.17
N ASN B 21 19.42 -16.05 12.21
CA ASN B 21 18.93 -15.25 11.04
C ASN B 21 17.94 -14.18 11.50
N VAL B 22 17.05 -14.55 12.44
CA VAL B 22 16.10 -13.54 12.97
C VAL B 22 16.74 -12.34 13.62
N GLY B 23 17.67 -12.52 14.58
CA GLY B 23 18.28 -11.39 15.24
C GLY B 23 19.01 -10.46 14.28
N ARG B 24 19.70 -11.05 13.31
CA ARG B 24 20.52 -10.24 12.36
C ARG B 24 19.57 -9.40 11.49
N THR B 25 18.56 -10.04 10.98
CA THR B 25 17.51 -9.37 10.17
C THR B 25 16.80 -8.27 10.93
N ILE B 26 16.42 -8.50 12.19
CA ILE B 26 15.89 -7.43 13.01
C ILE B 26 16.90 -6.29 13.18
N SER B 27 18.16 -6.63 13.43
CA SER B 27 19.16 -5.58 13.50
C SER B 27 19.23 -4.80 12.18
N ARG B 28 19.22 -5.53 11.08
CA ARG B 28 19.30 -4.86 9.77
C ARG B 28 18.10 -3.90 9.54
N ILE B 29 16.89 -4.31 9.91
CA ILE B 29 15.72 -3.44 9.73
C ILE B 29 15.86 -2.19 10.60
N ALA B 30 16.38 -2.34 11.80
CA ALA B 30 16.61 -1.19 12.68
C ALA B 30 17.54 -0.18 12.02
N HIS B 31 18.59 -0.72 11.39
CA HIS B 31 19.48 0.12 10.60
C HIS B 31 18.74 0.82 9.53
N GLN B 32 17.91 0.09 8.78
CA GLN B 32 17.15 0.71 7.71
C GLN B 32 16.19 1.80 8.21
N ILE B 33 15.59 1.56 9.35
CA ILE B 33 14.65 2.55 9.91
C ILE B 33 15.42 3.85 10.24
N ILE B 34 16.54 3.68 10.91
CA ILE B 34 17.43 4.85 11.15
C ILE B 34 17.72 5.65 9.90
N GLU B 35 18.00 4.98 8.77
CA GLU B 35 18.35 5.69 7.54
C GLU B 35 17.19 6.45 7.01
N LYS B 36 16.10 5.72 6.74
CA LYS B 36 14.99 6.25 6.00
C LYS B 36 14.29 7.36 6.78
N THR B 37 14.36 7.32 8.10
CA THR B 37 13.69 8.36 8.91
C THR B 37 14.68 9.36 9.55
N ALA B 38 16.00 9.11 9.40
CA ALA B 38 17.08 10.08 9.74
C ALA B 38 17.51 10.22 11.21
N LEU B 39 17.42 9.14 11.96
CA LEU B 39 17.84 9.19 13.36
C LEU B 39 19.35 9.50 13.64
N ASP B 40 20.25 9.10 12.75
CA ASP B 40 21.67 9.38 12.95
C ASP B 40 22.08 10.88 12.76
N ASP B 41 21.23 11.67 12.13
CA ASP B 41 21.48 13.12 11.97
C ASP B 41 20.71 14.01 12.98
N PRO B 42 21.17 15.25 13.16
CA PRO B 42 20.53 16.21 14.08
C PRO B 42 19.09 16.68 13.85
N VAL B 43 18.27 16.02 13.04
CA VAL B 43 16.82 16.31 12.97
C VAL B 43 16.55 17.62 12.23
N GLY B 44 15.91 17.49 11.07
CA GLY B 44 15.62 18.64 10.24
C GLY B 44 14.46 19.49 10.77
N PRO B 45 14.28 20.65 10.14
CA PRO B 45 13.31 21.68 10.58
C PRO B 45 11.86 21.21 10.66
N ASP B 46 11.49 20.37 9.73
CA ASP B 46 10.17 19.78 9.80
C ASP B 46 10.36 18.31 9.50
N ALA B 47 11.04 17.65 10.43
CA ALA B 47 11.15 16.21 10.44
C ALA B 47 10.10 15.75 11.45
N PRO B 48 9.33 14.73 11.10
CA PRO B 48 8.36 14.19 12.04
C PRO B 48 9.05 13.20 12.94
N ARG B 49 8.67 13.22 14.20
CA ARG B 49 9.11 12.24 15.13
C ARG B 49 8.64 10.85 14.75
N VAL B 50 9.37 9.85 15.19
CA VAL B 50 9.11 8.49 14.75
C VAL B 50 8.49 7.71 15.91
N VAL B 51 7.38 7.07 15.60
CA VAL B 51 6.70 6.20 16.55
C VAL B 51 6.43 4.84 15.98
N LEU B 52 6.81 3.77 16.67
CA LEU B 52 6.55 2.39 16.23
C LEU B 52 5.32 1.86 16.93
N LEU B 53 4.37 1.32 16.17
CA LEU B 53 3.16 0.73 16.71
C LEU B 53 3.03 -0.70 16.16
N GLY B 54 3.15 -1.66 17.06
CA GLY B 54 3.01 -3.05 16.79
C GLY B 54 1.56 -3.43 16.71
N ILE B 55 1.29 -4.36 15.82
CA ILE B 55 0.00 -5.04 15.78
C ILE B 55 0.10 -6.23 16.74
N PRO B 56 -0.76 -6.28 17.76
CA PRO B 56 -0.75 -7.41 18.71
C PRO B 56 -0.89 -8.80 18.10
N THR B 57 -0.27 -9.86 18.63
CA THR B 57 0.66 -9.79 19.74
C THR B 57 2.13 -9.77 19.27
N ARG B 58 2.49 -10.55 18.26
CA ARG B 58 3.91 -10.61 17.82
C ARG B 58 4.41 -9.29 17.15
N GLY B 59 3.52 -8.52 16.50
CA GLY B 59 3.84 -7.22 15.95
C GLY B 59 4.40 -6.33 17.04
N VAL B 60 3.84 -6.46 18.24
CA VAL B 60 4.27 -5.63 19.33
C VAL B 60 5.61 -6.11 19.83
N THR B 61 5.78 -7.41 19.92
CA THR B 61 7.05 -8.01 20.34
C THR B 61 8.14 -7.46 19.38
N LEU B 62 7.85 -7.50 18.07
CA LEU B 62 8.80 -7.02 17.05
C LEU B 62 9.10 -5.52 17.18
N ALA B 63 8.07 -4.70 17.36
CA ALA B 63 8.22 -3.28 17.56
C ALA B 63 9.13 -2.98 18.77
N ASN B 64 8.95 -3.74 19.84
CA ASN B 64 9.74 -3.49 21.09
C ASN B 64 11.23 -3.74 20.85
N ARG B 65 11.51 -4.85 20.18
CA ARG B 65 12.84 -5.29 19.76
C ARG B 65 13.48 -4.29 18.83
N LEU B 66 12.70 -3.78 17.87
CA LEU B 66 13.23 -2.77 16.97
C LEU B 66 13.59 -1.49 17.72
N ALA B 67 12.69 -1.03 18.58
CA ALA B 67 12.90 0.19 19.34
C ALA B 67 14.22 0.09 20.11
N GLY B 68 14.42 -1.06 20.70
CA GLY B 68 15.58 -1.36 21.52
C GLY B 68 16.88 -1.70 20.78
N ASN B 69 16.74 -2.13 19.54
CA ASN B 69 17.90 -2.33 18.69
C ASN B 69 18.30 -0.95 18.23
N ILE B 70 17.31 -0.09 17.95
CA ILE B 70 17.56 1.25 17.46
C ILE B 70 18.28 2.07 18.50
N THR B 71 18.01 1.75 19.77
CA THR B 71 18.66 2.50 20.82
C THR B 71 20.03 1.84 21.12
N GLU B 72 20.15 0.51 21.16
CA GLU B 72 21.46 -0.15 21.24
C GLU B 72 22.41 0.33 20.14
N TYR B 73 21.89 0.48 18.92
CA TYR B 73 22.71 0.87 17.78
C TYR B 73 22.96 2.35 17.66
N SER B 74 21.99 3.17 18.03
CA SER B 74 22.12 4.64 17.80
C SER B 74 21.86 5.50 19.06
N GLY B 75 21.73 4.83 20.20
CA GLY B 75 21.44 5.46 21.48
C GLY B 75 20.08 6.16 21.66
N ILE B 76 19.35 6.46 20.57
CA ILE B 76 18.16 7.30 20.66
C ILE B 76 16.88 6.46 20.86
N HIS B 77 15.86 7.15 21.41
CA HIS B 77 14.64 6.55 21.94
C HIS B 77 13.45 6.99 21.08
N VAL B 78 12.83 6.00 20.42
CA VAL B 78 11.66 6.27 19.66
C VAL B 78 10.48 5.83 20.49
N GLY B 79 9.42 6.60 20.40
CA GLY B 79 8.12 6.21 20.91
C GLY B 79 7.72 4.89 20.31
N HIS B 80 7.20 3.99 21.13
CA HIS B 80 6.60 2.81 20.58
C HIS B 80 5.46 2.28 21.44
N GLY B 81 4.63 1.46 20.82
CA GLY B 81 3.42 1.00 21.45
C GLY B 81 2.72 -0.11 20.69
N ALA B 82 1.41 -0.15 20.89
CA ALA B 82 0.55 -1.22 20.40
C ALA B 82 -0.71 -0.59 19.85
N LEU B 83 -1.15 -1.07 18.71
CA LEU B 83 -2.41 -0.69 18.11
C LEU B 83 -3.23 -1.95 17.95
N ASP B 84 -4.22 -2.15 18.83
CA ASP B 84 -5.13 -3.28 18.66
C ASP B 84 -6.04 -3.07 17.46
N ILE B 85 -6.22 -4.13 16.67
CA ILE B 85 -7.08 -4.12 15.50
C ILE B 85 -8.23 -5.12 15.54
N THR B 86 -8.43 -5.76 16.69
CA THR B 86 -9.46 -6.79 16.84
C THR B 86 -10.78 -6.35 16.19
N LEU B 87 -11.25 -5.20 16.61
CA LEU B 87 -12.57 -4.74 16.24
C LEU B 87 -12.67 -4.33 14.79
N TYR B 88 -11.53 -4.17 14.12
CA TYR B 88 -11.45 -3.68 12.75
C TYR B 88 -11.21 -4.74 11.71
N ARG B 89 -11.15 -6.02 12.07
CA ARG B 89 -10.80 -7.02 11.06
C ARG B 89 -12.01 -7.75 10.51
N ASP B 90 -11.81 -8.80 9.71
CA ASP B 90 -12.86 -9.80 9.37
C ASP B 90 -13.68 -9.33 8.18
N PRO B 96 -17.73 -12.62 17.31
CA PRO B 96 -17.44 -12.15 18.68
C PRO B 96 -17.62 -10.60 18.92
N PRO B 97 -17.49 -10.11 20.16
CA PRO B 97 -17.84 -8.72 20.52
C PRO B 97 -16.77 -7.68 20.99
N ARG B 98 -15.48 -7.99 21.20
CA ARG B 98 -14.58 -7.04 21.96
C ARG B 98 -13.06 -7.09 21.64
N PRO B 99 -12.30 -6.09 22.08
CA PRO B 99 -10.84 -6.05 21.78
C PRO B 99 -10.02 -7.03 22.62
N LEU B 100 -9.22 -7.86 21.96
CA LEU B 100 -8.48 -8.91 22.64
C LEU B 100 -7.09 -8.46 23.13
N ALA B 101 -6.66 -7.28 22.74
CA ALA B 101 -5.42 -6.73 23.29
C ALA B 101 -5.55 -5.24 23.49
N SER B 102 -4.57 -4.66 24.18
CA SER B 102 -4.62 -3.26 24.52
C SER B 102 -3.87 -2.41 23.51
N THR B 103 -4.46 -1.27 23.25
CA THR B 103 -3.88 -0.25 22.43
C THR B 103 -3.13 0.65 23.39
N SER B 104 -1.90 0.98 23.03
CA SER B 104 -1.00 1.73 23.87
C SER B 104 -0.29 2.73 22.98
N ILE B 105 -0.63 4.01 23.12
CA ILE B 105 -0.02 5.07 22.36
C ILE B 105 0.98 5.80 23.26
N PRO B 106 2.24 5.94 22.83
CA PRO B 106 3.19 6.69 23.66
C PRO B 106 2.78 8.14 23.90
N ALA B 107 3.27 8.71 25.00
CA ALA B 107 2.99 10.11 25.34
C ALA B 107 3.32 11.03 24.17
N GLY B 108 2.51 12.07 23.97
CA GLY B 108 2.71 12.96 22.85
C GLY B 108 1.89 12.54 21.65
N GLY B 109 1.33 11.34 21.67
CA GLY B 109 0.41 10.91 20.63
C GLY B 109 1.10 10.63 19.31
N ILE B 110 0.29 10.59 18.26
CA ILE B 110 0.81 10.32 16.93
C ILE B 110 0.46 11.41 15.97
N ASP B 111 -0.11 12.52 16.47
CA ASP B 111 -0.54 13.58 15.53
C ASP B 111 0.69 14.18 14.87
N ASP B 112 0.67 14.27 13.55
CA ASP B 112 1.81 14.73 12.74
C ASP B 112 3.12 13.94 12.97
N ALA B 113 3.05 12.78 13.59
CA ALA B 113 4.18 11.87 13.65
C ALA B 113 4.35 11.04 12.37
N LEU B 114 5.50 10.40 12.26
CA LEU B 114 5.74 9.33 11.29
C LEU B 114 5.52 8.07 12.07
N VAL B 115 4.40 7.39 11.83
CA VAL B 115 4.13 6.14 12.51
C VAL B 115 4.65 4.99 11.66
N ILE B 116 5.41 4.04 12.24
CA ILE B 116 5.72 2.82 11.55
C ILE B 116 4.91 1.69 12.20
N LEU B 117 3.98 1.13 11.45
CA LEU B 117 3.22 -0.04 11.84
C LEU B 117 4.15 -1.20 11.72
N VAL B 118 4.08 -2.14 12.67
CA VAL B 118 4.96 -3.26 12.69
C VAL B 118 4.15 -4.50 12.86
N ASP B 119 4.34 -5.46 11.97
CA ASP B 119 3.73 -6.77 12.12
C ASP B 119 4.71 -7.89 11.80
N ASP B 120 4.38 -9.11 12.19
CA ASP B 120 5.25 -10.26 11.88
C ASP B 120 5.24 -10.67 10.41
N VAL B 121 4.04 -10.78 9.86
CA VAL B 121 3.85 -11.25 8.49
C VAL B 121 2.95 -10.36 7.64
N LEU B 122 3.38 -10.03 6.43
CA LEU B 122 2.53 -9.37 5.42
C LEU B 122 2.03 -10.30 4.34
N TYR B 123 0.72 -10.56 4.44
CA TYR B 123 0.06 -11.53 3.55
C TYR B 123 -0.85 -10.93 2.54
N SER B 124 -2.11 -10.64 2.92
CA SER B 124 -3.15 -10.10 2.08
C SER B 124 -3.08 -8.59 2.08
N GLY B 125 -2.61 -8.10 3.21
CA GLY B 125 -2.62 -6.67 3.44
C GLY B 125 -3.85 -6.24 4.21
N ARG B 126 -4.79 -7.13 4.46
CA ARG B 126 -6.07 -6.72 5.14
C ARG B 126 -5.83 -6.31 6.57
N SER B 127 -4.83 -6.88 7.26
CA SER B 127 -4.53 -6.49 8.62
C SER B 127 -3.99 -5.05 8.69
N VAL B 128 -3.12 -4.72 7.75
CA VAL B 128 -2.57 -3.38 7.65
C VAL B 128 -3.66 -2.33 7.32
N ARG B 129 -4.55 -2.68 6.45
CA ARG B 129 -5.67 -1.82 6.14
C ARG B 129 -6.54 -1.65 7.39
N SER B 130 -6.79 -2.70 8.15
CA SER B 130 -7.42 -2.48 9.46
C SER B 130 -6.69 -1.56 10.38
N ALA B 131 -5.37 -1.68 10.41
CA ALA B 131 -4.57 -0.87 11.29
C ALA B 131 -4.60 0.58 10.81
N LEU B 132 -4.69 0.84 9.52
CA LEU B 132 -4.85 2.21 9.05
C LEU B 132 -6.17 2.78 9.60
N ASP B 133 -7.22 1.98 9.62
CA ASP B 133 -8.49 2.44 10.22
C ASP B 133 -8.36 2.74 11.69
N ALA B 134 -7.74 1.86 12.44
CA ALA B 134 -7.55 1.99 13.86
C ALA B 134 -6.67 3.21 14.20
N LEU B 135 -5.65 3.46 13.37
CA LEU B 135 -4.75 4.56 13.59
C LEU B 135 -5.49 5.88 13.46
N ARG B 136 -6.34 5.96 12.44
CA ARG B 136 -7.15 7.13 12.20
C ARG B 136 -8.09 7.46 13.40
N ASP B 137 -8.54 6.44 14.11
CA ASP B 137 -9.29 6.66 15.35
C ASP B 137 -8.45 7.15 16.52
N VAL B 138 -7.13 6.95 16.46
CA VAL B 138 -6.20 7.44 17.49
C VAL B 138 -5.81 8.87 17.18
N GLY B 139 -5.53 9.18 15.92
CA GLY B 139 -4.92 10.44 15.58
C GLY B 139 -4.66 10.65 14.11
N ARG B 140 -3.89 11.67 13.77
CA ARG B 140 -3.68 12.04 12.39
C ARG B 140 -2.17 12.13 12.15
N PRO B 141 -1.56 11.00 11.80
CA PRO B 141 -0.14 11.02 11.49
C PRO B 141 0.21 11.80 10.24
N ARG B 142 1.42 12.33 10.19
CA ARG B 142 1.85 12.94 8.97
C ARG B 142 2.08 11.85 7.89
N ALA B 143 2.59 10.71 8.34
CA ALA B 143 2.89 9.61 7.43
C ALA B 143 2.87 8.24 8.19
N VAL B 144 2.64 7.17 7.42
CA VAL B 144 2.56 5.85 7.94
C VAL B 144 3.37 4.95 7.00
N GLN B 145 4.28 4.21 7.60
CA GLN B 145 5.12 3.22 6.94
C GLN B 145 4.81 1.87 7.60
N LEU B 146 5.36 0.81 7.06
CA LEU B 146 5.10 -0.54 7.49
C LEU B 146 6.41 -1.36 7.49
N ALA B 147 6.71 -2.02 8.61
CA ALA B 147 7.77 -2.93 8.75
C ALA B 147 7.25 -4.30 9.09
N VAL B 148 7.68 -5.29 8.35
CA VAL B 148 7.33 -6.67 8.65
C VAL B 148 8.53 -7.60 8.63
N LEU B 149 8.47 -8.70 9.38
CA LEU B 149 9.49 -9.69 9.30
C LEU B 149 9.46 -10.47 7.99
N VAL B 150 8.32 -10.94 7.59
CA VAL B 150 8.15 -11.76 6.43
C VAL B 150 7.06 -11.18 5.58
N ASP B 151 7.36 -10.99 4.29
CA ASP B 151 6.35 -10.72 3.26
C ASP B 151 6.17 -11.99 2.43
N ARG B 152 4.99 -12.58 2.50
CA ARG B 152 4.72 -13.87 1.88
C ARG B 152 3.87 -13.77 0.63
N GLY B 153 3.73 -12.58 0.12
CA GLY B 153 3.06 -12.39 -1.14
C GLY B 153 1.56 -12.49 -0.98
N HIS B 154 0.88 -12.55 -2.12
CA HIS B 154 -0.56 -12.73 -2.17
C HIS B 154 -1.35 -11.54 -1.67
N ARG B 155 -0.91 -10.37 -2.09
CA ARG B 155 -1.56 -9.16 -1.69
C ARG B 155 -2.99 -9.16 -2.27
N GLU B 156 -3.97 -8.75 -1.47
CA GLU B 156 -5.30 -8.40 -1.94
C GLU B 156 -5.66 -6.91 -1.96
N LEU B 157 -4.74 -6.04 -1.54
CA LEU B 157 -4.92 -4.60 -1.50
C LEU B 157 -3.57 -4.02 -1.98
N PRO B 158 -3.57 -2.79 -2.51
CA PRO B 158 -2.35 -2.17 -3.06
C PRO B 158 -1.41 -1.62 -1.94
N LEU B 159 -0.98 -2.53 -1.08
CA LEU B 159 -0.18 -2.24 0.11
C LEU B 159 1.19 -2.91 -0.05
N ARG B 160 2.22 -2.31 0.51
CA ARG B 160 3.53 -2.94 0.56
C ARG B 160 4.26 -2.43 1.80
N ALA B 161 5.21 -3.22 2.25
CA ALA B 161 6.01 -2.85 3.39
C ALA B 161 7.15 -1.97 2.93
N ASP B 162 7.45 -0.98 3.74
CA ASP B 162 8.68 -0.18 3.67
C ASP B 162 9.93 -0.92 4.06
N TYR B 163 9.77 -1.77 5.05
CA TYR B 163 10.84 -2.58 5.55
C TYR B 163 10.41 -4.02 5.59
N VAL B 164 11.24 -4.94 5.09
CA VAL B 164 10.90 -6.35 5.02
C VAL B 164 12.09 -7.19 5.50
N GLY B 165 11.87 -8.11 6.42
CA GLY B 165 12.95 -9.00 6.81
C GLY B 165 13.30 -9.97 5.68
N LYS B 166 12.32 -10.73 5.24
CA LYS B 166 12.52 -11.70 4.19
C LYS B 166 11.28 -11.77 3.29
N ASN B 167 11.51 -11.78 1.98
CA ASN B 167 10.45 -12.02 0.99
C ASN B 167 10.43 -13.50 0.71
N VAL B 168 9.26 -14.10 0.88
CA VAL B 168 9.12 -15.55 0.82
C VAL B 168 7.99 -15.92 -0.11
N PRO B 169 8.32 -16.39 -1.32
CA PRO B 169 7.32 -17.05 -2.18
C PRO B 169 6.62 -18.16 -1.42
N THR B 170 5.28 -18.18 -1.49
CA THR B 170 4.48 -19.20 -0.81
C THR B 170 3.33 -19.64 -1.70
N SER B 171 2.74 -20.79 -1.38
CA SER B 171 1.50 -21.22 -2.00
C SER B 171 0.42 -20.91 -0.98
N ARG B 172 -0.81 -20.80 -1.45
CA ARG B 172 -1.92 -20.44 -0.56
C ARG B 172 -2.16 -21.53 0.49
N SER B 173 -1.68 -22.75 0.22
CA SER B 173 -1.81 -23.85 1.19
C SER B 173 -0.65 -23.95 2.21
N GLU B 174 0.36 -23.08 2.09
CA GLU B 174 1.44 -23.05 3.08
C GLU B 174 1.06 -22.07 4.20
N SER B 175 1.64 -22.28 5.37
CA SER B 175 1.57 -21.33 6.49
C SER B 175 2.97 -20.90 6.96
N VAL B 176 3.09 -19.63 7.33
CA VAL B 176 4.32 -19.07 7.88
C VAL B 176 4.19 -18.79 9.38
N HIS B 177 5.09 -19.35 10.18
CA HIS B 177 5.05 -19.24 11.62
C HIS B 177 6.28 -18.51 12.10
N VAL B 178 6.06 -17.29 12.57
CA VAL B 178 7.10 -16.46 13.11
C VAL B 178 7.11 -16.66 14.64
N ARG B 179 8.28 -16.92 15.18
CA ARG B 179 8.44 -16.95 16.64
C ARG B 179 9.46 -15.93 17.06
N LEU B 180 9.11 -15.11 18.04
CA LEU B 180 9.99 -14.10 18.57
C LEU B 180 10.14 -14.37 20.06
N ARG B 181 11.37 -14.29 20.57
CA ARG B 181 11.79 -14.82 21.88
C ARG B 181 11.01 -14.28 23.05
N GLU B 182 10.63 -13.02 23.03
CA GLU B 182 9.96 -12.55 24.22
C GLU B 182 8.52 -13.05 24.27
N HIS B 183 7.87 -13.25 23.13
CA HIS B 183 6.51 -13.77 23.11
C HIS B 183 6.46 -15.29 23.05
N ASP B 184 7.42 -15.93 22.39
CA ASP B 184 7.34 -17.37 22.12
C ASP B 184 8.48 -18.20 22.80
N GLY B 185 9.43 -17.59 23.44
CA GLY B 185 10.44 -18.47 24.05
C GLY B 185 11.60 -18.77 23.11
N ARG B 186 11.40 -18.89 21.78
CA ARG B 186 12.56 -18.92 20.81
C ARG B 186 12.33 -17.97 19.59
N ASP B 187 13.42 -17.63 18.93
CA ASP B 187 13.40 -16.88 17.64
C ASP B 187 13.45 -17.87 16.55
N GLY B 188 12.63 -17.65 15.51
CA GLY B 188 12.66 -18.55 14.37
C GLY B 188 11.53 -18.27 13.41
N VAL B 189 11.70 -18.68 12.16
CA VAL B 189 10.59 -18.80 11.25
C VAL B 189 10.54 -20.13 10.56
N VAL B 190 9.35 -20.75 10.52
CA VAL B 190 9.14 -21.99 9.80
C VAL B 190 7.98 -21.84 8.87
N ILE B 191 8.02 -22.61 7.79
CA ILE B 191 6.90 -22.74 6.90
C ILE B 191 6.35 -24.20 6.91
N SER B 192 5.02 -24.36 6.98
CA SER B 192 4.36 -25.67 6.92
C SER B 192 3.36 -25.79 5.78
N ARG B 193 3.13 -27.01 5.26
CA ARG B 193 1.97 -27.26 4.36
C ARG B 193 0.88 -27.91 5.18
#